data_4CGN
#
_entry.id   4CGN
#
_cell.length_a   48.220
_cell.length_b   91.280
_cell.length_c   53.229
_cell.angle_alpha   90.00
_cell.angle_beta   113.28
_cell.angle_gamma   90.00
#
_symmetry.space_group_name_H-M   'P 1 21 1'
#
loop_
_entity.id
_entity.type
_entity.pdbx_description
1 polymer 'GLYCYLPEPTIDE N-TETRADECANOYLTRANSFERASE'
2 non-polymer 'MAGNESIUM ION'
3 non-polymer 2-(4-fluorophenyl)-N-(3-piperidin-4-yl-1H-indol-5-yl)ethanamide
4 non-polymer TETRADECANOYL-COA
5 water water
#
_entity_poly.entity_id   1
_entity_poly.type   'polypeptide(L)'
_entity_poly.pdbx_seq_one_letter_code
;AHAFWSTQPVPQTEDETEKIVFAGPMDEPKTVADIPEEPYPIASTFEWWTPNMEAADDIHAIYELLRDNYVEDDDSMFRF
NYSEEFLQWALCPPNYIPDWHVAVRRKADKKLLAFIAGVPVTLRMGTPKYMKVKAQEKGEGEEAAKYDEPRHICEINFLC
VHKQLREKRLAPILIKEATRRVNRTNVWQAVYTAGVLLPTPYASGQYFHRSLNPEKLVEIRFSGIPAQYQKFQNPMAMLK
RNYQLPSAPKNSGLREMKPSDVPQVRRILMNYLDSFDVGPVFSDAEISHYLLPRDGVVFTYVVENDKKVTDFFSFYRIPS
TVIGNSNYNLLNAAYVHYYAATSIPLHQLILDLLIVAHSRGFDVCNMVEILDNRSFVEQLKFGAGDGHLRYYFYNWAYPK
IKPSQVALVML
;
_entity_poly.pdbx_strand_id   A
#
# COMPACT_ATOMS: atom_id res chain seq x y z
N ALA A 1 26.41 2.06 11.78
CA ALA A 1 25.70 2.54 10.55
C ALA A 1 24.21 2.84 10.91
N HIS A 2 23.55 1.89 11.56
CA HIS A 2 22.15 2.09 11.96
C HIS A 2 22.00 1.85 13.47
N ALA A 3 22.08 2.92 14.25
CA ALA A 3 22.09 2.82 15.69
C ALA A 3 20.78 2.22 16.18
N PHE A 4 19.64 2.46 15.46
CA PHE A 4 18.39 1.82 15.85
C PHE A 4 18.17 0.45 15.18
N TRP A 5 18.24 0.37 13.85
CA TRP A 5 17.89 -0.87 13.19
C TRP A 5 18.81 -2.04 13.47
N SER A 6 20.04 -1.70 13.85
CA SER A 6 20.98 -2.73 14.29
C SER A 6 20.54 -3.45 15.55
N THR A 7 19.65 -2.86 16.32
CA THR A 7 19.13 -3.42 17.63
C THR A 7 17.85 -4.25 17.50
N GLN A 8 17.31 -4.26 16.28
CA GLN A 8 15.99 -4.81 15.95
C GLN A 8 16.08 -6.18 15.27
N PRO A 9 15.00 -7.02 15.44
CA PRO A 9 15.00 -8.37 14.84
C PRO A 9 14.61 -8.35 13.36
N VAL A 10 15.51 -7.83 12.54
CA VAL A 10 15.37 -7.81 11.07
C VAL A 10 16.67 -8.27 10.45
N PRO A 11 16.66 -8.85 9.25
CA PRO A 11 17.96 -9.18 8.63
C PRO A 11 18.81 -7.93 8.45
N GLN A 12 20.09 -8.04 8.81
CA GLN A 12 20.96 -6.86 8.85
C GLN A 12 21.66 -6.50 7.51
N THR A 13 21.81 -7.48 6.60
CA THR A 13 22.42 -7.20 5.28
C THR A 13 21.77 -8.03 4.17
N GLU A 14 21.98 -7.62 2.91
CA GLU A 14 21.67 -8.44 1.72
C GLU A 14 22.35 -9.80 1.79
N ASP A 15 23.60 -9.81 2.26
CA ASP A 15 24.34 -11.09 2.46
C ASP A 15 23.53 -12.04 3.33
N GLU A 16 23.06 -11.52 4.45
CA GLU A 16 22.26 -12.27 5.43
C GLU A 16 20.99 -12.80 4.76
N THR A 17 20.29 -11.88 4.09
CA THR A 17 19.09 -12.19 3.30
C THR A 17 19.35 -13.23 2.24
N GLU A 18 20.57 -13.24 1.69
CA GLU A 18 20.95 -14.19 0.65
C GLU A 18 21.00 -15.60 1.20
N LYS A 19 21.37 -15.73 2.47
CA LYS A 19 21.53 -17.01 3.15
C LYS A 19 20.14 -17.63 3.50
N ILE A 20 19.15 -16.80 3.93
CA ILE A 20 17.82 -17.29 4.40
C ILE A 20 17.15 -18.24 3.45
N VAL A 21 16.75 -19.38 3.98
CA VAL A 21 16.23 -20.47 3.20
C VAL A 21 14.77 -20.76 3.63
N PHE A 22 14.41 -20.53 4.90
CA PHE A 22 13.05 -20.82 5.40
C PHE A 22 12.38 -19.59 5.99
N ALA A 23 11.04 -19.51 5.93
CA ALA A 23 10.36 -18.45 6.67
C ALA A 23 10.35 -18.83 8.10
N GLY A 24 10.49 -17.86 8.96
CA GLY A 24 10.19 -18.04 10.34
C GLY A 24 10.70 -16.87 11.11
N PRO A 25 10.49 -16.88 12.41
CA PRO A 25 10.80 -15.74 13.22
C PRO A 25 12.32 -15.50 13.39
N MET A 26 12.69 -14.26 13.69
CA MET A 26 14.09 -13.93 13.98
C MET A 26 14.41 -14.00 15.48
N ASP A 27 13.54 -13.44 16.35
CA ASP A 27 13.76 -13.11 17.80
C ASP A 27 13.50 -14.31 18.72
N GLU A 28 13.93 -14.21 19.99
CA GLU A 28 13.61 -15.25 21.00
C GLU A 28 12.05 -15.40 21.14
N PRO A 29 11.50 -16.64 21.21
CA PRO A 29 10.06 -16.63 21.58
C PRO A 29 9.85 -15.86 22.90
N LYS A 30 8.79 -15.05 22.99
CA LYS A 30 8.48 -14.23 24.15
C LYS A 30 7.01 -14.34 24.45
N THR A 31 6.62 -13.97 25.65
CA THR A 31 5.18 -13.99 26.03
CA THR A 31 5.22 -13.99 26.03
C THR A 31 4.69 -12.59 26.32
N VAL A 32 3.36 -12.42 26.31
CA VAL A 32 2.76 -11.20 26.62
C VAL A 32 3.25 -10.71 28.00
N ALA A 33 3.27 -11.64 28.98
CA ALA A 33 3.70 -11.33 30.32
C ALA A 33 5.14 -10.74 30.40
N ASP A 34 6.02 -11.11 29.46
CA ASP A 34 7.35 -10.56 29.44
C ASP A 34 7.38 -9.05 29.07
N ILE A 35 6.34 -8.57 28.37
CA ILE A 35 6.39 -7.23 27.75
C ILE A 35 6.00 -6.19 28.76
N PRO A 36 6.74 -5.06 28.90
CA PRO A 36 6.37 -3.99 29.81
C PRO A 36 4.90 -3.49 29.68
N GLU A 37 4.25 -3.39 30.82
CA GLU A 37 2.87 -2.88 30.90
C GLU A 37 2.71 -1.45 30.54
N GLU A 38 3.72 -0.65 30.88
CA GLU A 38 3.68 0.79 30.76
C GLU A 38 4.33 1.26 29.48
N PRO A 39 3.83 2.40 28.93
CA PRO A 39 4.38 2.90 27.67
C PRO A 39 5.87 3.15 27.85
N TYR A 40 6.56 3.12 26.74
CA TYR A 40 7.95 3.40 26.71
C TYR A 40 8.16 4.85 27.28
N PRO A 41 9.23 5.09 28.06
CA PRO A 41 9.49 6.40 28.63
C PRO A 41 9.65 7.46 27.51
N ILE A 42 9.24 8.68 27.75
CA ILE A 42 9.35 9.72 26.71
C ILE A 42 9.62 11.01 27.47
N ALA A 43 10.22 12.00 26.81
CA ALA A 43 10.54 13.29 27.46
C ALA A 43 9.35 13.88 28.14
N SER A 44 9.59 14.49 29.33
CA SER A 44 8.46 14.92 30.18
C SER A 44 7.58 16.00 29.54
N THR A 45 8.11 16.68 28.52
CA THR A 45 7.31 17.67 27.72
C THR A 45 6.41 17.07 26.62
N PHE A 46 6.60 15.77 26.36
CA PHE A 46 5.74 15.07 25.43
C PHE A 46 4.79 14.12 26.17
N GLU A 47 3.76 13.63 25.47
CA GLU A 47 2.91 12.60 26.02
C GLU A 47 2.36 11.73 24.89
N TRP A 48 2.14 10.47 25.20
CA TRP A 48 1.55 9.53 24.29
C TRP A 48 0.05 9.83 24.19
N TRP A 49 -0.54 9.61 23.00
CA TRP A 49 -1.94 9.88 22.78
C TRP A 49 -2.46 8.78 21.85
N THR A 50 -3.59 8.16 22.19
CA THR A 50 -4.24 7.19 21.29
C THR A 50 -5.44 7.90 20.70
N PRO A 51 -5.35 8.35 19.44
CA PRO A 51 -6.54 9.02 18.85
C PRO A 51 -7.63 7.99 18.64
N ASN A 52 -8.87 8.44 18.69
CA ASN A 52 -10.04 7.66 18.25
C ASN A 52 -10.29 7.95 16.78
N MET A 53 -9.96 6.99 15.91
CA MET A 53 -9.85 7.24 14.44
C MET A 53 -11.18 7.05 13.74
N GLU A 54 -12.24 7.00 14.56
CA GLU A 54 -13.61 7.05 14.14
C GLU A 54 -14.29 8.29 14.68
N ALA A 55 -13.55 9.12 15.44
CA ALA A 55 -14.02 10.42 15.95
C ALA A 55 -13.47 11.49 14.99
N ALA A 56 -14.37 12.27 14.40
CA ALA A 56 -13.98 13.23 13.32
C ALA A 56 -12.88 14.18 13.73
N ASP A 57 -12.88 14.71 14.96
CA ASP A 57 -11.96 15.73 15.30
CA ASP A 57 -11.87 15.71 15.36
C ASP A 57 -10.52 15.09 15.48
N ASP A 58 -10.44 13.85 15.92
CA ASP A 58 -9.16 13.14 16.11
C ASP A 58 -8.58 12.77 14.70
N ILE A 59 -9.45 12.27 13.84
CA ILE A 59 -9.10 11.96 12.41
C ILE A 59 -8.55 13.26 11.78
N HIS A 60 -9.27 14.37 11.98
CA HIS A 60 -8.76 15.63 11.46
C HIS A 60 -7.35 16.05 11.96
N ALA A 61 -7.04 15.83 13.25
CA ALA A 61 -5.76 16.24 13.77
C ALA A 61 -4.64 15.40 13.09
N ILE A 62 -4.87 14.10 12.89
CA ILE A 62 -3.94 13.22 12.23
C ILE A 62 -3.79 13.67 10.74
N TYR A 63 -4.95 13.95 10.12
CA TYR A 63 -5.07 14.40 8.73
C TYR A 63 -4.15 15.60 8.50
N GLU A 64 -4.20 16.59 9.43
CA GLU A 64 -3.30 17.80 9.27
C GLU A 64 -1.86 17.53 9.43
N LEU A 65 -1.48 16.71 10.42
CA LEU A 65 -0.09 16.27 10.61
C LEU A 65 0.43 15.67 9.29
N LEU A 66 -0.39 14.79 8.73
CA LEU A 66 0.09 14.09 7.52
C LEU A 66 0.08 15.01 6.30
N ARG A 67 -0.97 15.81 6.17
CA ARG A 67 -1.06 16.79 5.05
C ARG A 67 0.20 17.66 4.98
N ASP A 68 0.68 18.13 6.15
CA ASP A 68 1.84 19.05 6.17
C ASP A 68 3.24 18.43 6.34
N ASN A 69 3.30 17.14 6.72
CA ASN A 69 4.57 16.53 7.14
C ASN A 69 4.85 15.16 6.60
N TYR A 70 3.96 14.62 5.80
CA TYR A 70 4.17 13.23 5.35
C TYR A 70 5.05 13.13 4.08
N VAL A 71 4.94 12.01 3.35
CA VAL A 71 5.89 11.70 2.29
C VAL A 71 5.78 12.73 1.09
N GLU A 72 6.90 13.25 0.64
CA GLU A 72 6.94 14.05 -0.58
C GLU A 72 7.67 13.30 -1.70
N ASP A 73 7.56 13.80 -2.92
CA ASP A 73 8.42 13.33 -4.00
C ASP A 73 9.84 13.88 -3.72
N ASP A 74 10.77 13.56 -4.59
CA ASP A 74 12.16 13.90 -4.25
C ASP A 74 12.51 15.37 -4.42
N ASP A 75 11.69 16.07 -5.20
CA ASP A 75 12.02 17.47 -5.49
C ASP A 75 11.13 18.45 -4.68
N SER A 76 10.41 17.93 -3.68
CA SER A 76 9.54 18.80 -2.90
C SER A 76 8.58 19.54 -3.83
N MET A 77 8.01 18.81 -4.79
CA MET A 77 6.99 19.33 -5.69
CA MET A 77 6.98 19.34 -5.67
C MET A 77 5.62 18.83 -5.27
N PHE A 78 5.57 17.63 -4.62
CA PHE A 78 4.32 17.05 -4.24
C PHE A 78 4.42 16.47 -2.85
N ARG A 79 3.31 16.46 -2.15
CA ARG A 79 3.30 15.75 -0.83
C ARG A 79 1.93 15.03 -0.73
N PHE A 80 1.92 13.76 -0.27
CA PHE A 80 0.64 13.09 -0.24
C PHE A 80 -0.35 13.81 0.63
N ASN A 81 -1.62 13.76 0.27
CA ASN A 81 -2.65 14.43 1.06
C ASN A 81 -3.83 13.42 1.22
N TYR A 82 -3.58 12.34 1.98
CA TYR A 82 -4.64 11.40 2.26
C TYR A 82 -5.82 12.11 2.89
N SER A 83 -7.00 11.76 2.48
CA SER A 83 -8.18 12.45 3.03
C SER A 83 -8.55 11.89 4.42
N GLU A 84 -9.40 12.67 5.14
CA GLU A 84 -9.93 12.16 6.45
C GLU A 84 -10.75 10.87 6.25
N GLU A 85 -11.52 10.77 5.14
CA GLU A 85 -12.38 9.64 4.88
C GLU A 85 -11.45 8.42 4.57
N PHE A 86 -10.40 8.72 3.81
CA PHE A 86 -9.43 7.66 3.50
C PHE A 86 -8.76 7.14 4.76
N LEU A 87 -8.38 8.02 5.69
CA LEU A 87 -7.71 7.58 6.94
C LEU A 87 -8.66 6.76 7.82
N GLN A 88 -9.96 7.12 7.89
CA GLN A 88 -10.86 6.31 8.69
C GLN A 88 -11.00 4.91 8.08
N TRP A 89 -11.05 4.82 6.74
CA TRP A 89 -11.15 3.57 6.02
C TRP A 89 -9.90 2.73 6.26
N ALA A 90 -8.74 3.36 6.11
CA ALA A 90 -7.47 2.58 6.16
C ALA A 90 -7.13 2.09 7.57
N LEU A 91 -7.53 2.88 8.54
CA LEU A 91 -7.10 2.70 9.91
C LEU A 91 -8.12 1.91 10.72
N CYS A 92 -9.33 1.74 10.21
CA CYS A 92 -10.35 1.07 11.01
C CYS A 92 -11.07 -0.11 10.29
N PRO A 93 -10.32 -1.09 9.79
CA PRO A 93 -10.94 -2.26 9.20
C PRO A 93 -11.51 -3.15 10.33
N PRO A 94 -12.31 -4.16 9.97
CA PRO A 94 -12.96 -4.97 10.96
C PRO A 94 -11.96 -5.56 11.98
N ASN A 95 -12.34 -5.53 13.25
CA ASN A 95 -11.46 -5.98 14.36
C ASN A 95 -10.14 -5.22 14.51
N TYR A 96 -10.09 -3.97 14.00
CA TYR A 96 -8.92 -3.17 14.29
C TYR A 96 -8.73 -2.96 15.81
N ILE A 97 -7.50 -2.59 16.16
CA ILE A 97 -7.11 -2.39 17.58
C ILE A 97 -6.83 -0.93 17.77
N PRO A 98 -7.72 -0.20 18.48
CA PRO A 98 -7.51 1.21 18.67
C PRO A 98 -6.15 1.54 19.26
N ASP A 99 -5.68 0.71 20.18
CA ASP A 99 -4.35 0.95 20.81
C ASP A 99 -3.11 0.92 19.86
N TRP A 100 -3.28 0.29 18.72
CA TRP A 100 -2.24 0.31 17.67
C TRP A 100 -2.11 1.61 16.89
N HIS A 101 -2.99 2.56 17.11
CA HIS A 101 -2.80 3.87 16.50
C HIS A 101 -2.11 4.75 17.56
N VAL A 102 -0.86 5.16 17.27
CA VAL A 102 0.01 5.72 18.35
C VAL A 102 0.45 7.09 17.96
N ALA A 103 0.24 8.09 18.82
CA ALA A 103 0.63 9.43 18.53
C ALA A 103 1.43 9.97 19.69
N VAL A 104 2.24 10.98 19.39
CA VAL A 104 2.93 11.79 20.39
C VAL A 104 2.37 13.18 20.23
N ARG A 105 2.05 13.79 21.37
CA ARG A 105 1.69 15.20 21.39
C ARG A 105 2.54 15.98 22.38
N ARG A 106 2.74 17.26 22.08
CA ARG A 106 3.41 18.16 23.00
C ARG A 106 2.40 18.40 24.13
N LYS A 107 2.83 18.15 25.37
CA LYS A 107 1.94 18.13 26.53
CA LYS A 107 1.94 18.13 26.53
C LYS A 107 1.27 19.50 26.74
N ALA A 108 2.01 20.58 26.49
CA ALA A 108 1.54 21.96 26.74
C ALA A 108 0.23 22.34 26.06
N ASP A 109 0.27 22.40 24.73
CA ASP A 109 -0.84 22.80 23.85
C ASP A 109 -1.49 21.63 23.15
N LYS A 110 -0.94 20.44 23.38
CA LYS A 110 -1.33 19.24 22.69
C LYS A 110 -1.09 19.33 21.17
N LYS A 111 -0.06 20.03 20.70
CA LYS A 111 0.30 19.95 19.25
C LYS A 111 0.74 18.52 18.92
N LEU A 112 0.23 17.99 17.82
CA LEU A 112 0.54 16.64 17.42
C LEU A 112 1.88 16.67 16.71
N LEU A 113 2.80 15.86 17.18
CA LEU A 113 4.19 15.89 16.78
C LEU A 113 4.56 14.69 15.90
N ALA A 114 3.89 13.56 16.14
CA ALA A 114 4.30 12.30 15.52
C ALA A 114 3.15 11.29 15.52
N PHE A 115 3.19 10.33 14.57
CA PHE A 115 2.13 9.32 14.49
C PHE A 115 2.71 8.07 13.82
N ILE A 116 2.12 6.91 14.17
CA ILE A 116 2.37 5.65 13.46
C ILE A 116 1.13 4.80 13.62
N ALA A 117 0.69 4.07 12.58
CA ALA A 117 -0.46 3.25 12.78
C ALA A 117 -0.22 1.81 12.45
N GLY A 118 -0.79 0.90 13.23
CA GLY A 118 -0.79 -0.54 12.87
C GLY A 118 -2.25 -1.01 12.68
N VAL A 119 -2.53 -1.90 11.69
CA VAL A 119 -3.88 -2.50 11.57
C VAL A 119 -3.64 -4.00 11.46
N PRO A 120 -4.65 -4.75 11.87
CA PRO A 120 -4.48 -6.23 11.66
C PRO A 120 -4.55 -6.66 10.19
N VAL A 121 -3.75 -7.66 9.86
CA VAL A 121 -3.89 -8.31 8.56
C VAL A 121 -3.61 -9.77 8.80
N THR A 122 -4.28 -10.63 8.03
CA THR A 122 -3.95 -12.08 8.02
C THR A 122 -3.16 -12.37 6.79
N LEU A 123 -1.92 -12.85 6.91
CA LEU A 123 -1.03 -12.90 5.73
C LEU A 123 -0.47 -14.33 5.62
N ARG A 124 -0.48 -14.84 4.41
CA ARG A 124 0.35 -15.98 3.98
C ARG A 124 1.76 -15.44 3.90
N MET A 125 2.67 -16.03 4.66
CA MET A 125 4.06 -15.61 4.67
C MET A 125 4.98 -16.77 4.96
N GLY A 126 4.54 -17.96 4.51
CA GLY A 126 5.40 -19.15 4.65
C GLY A 126 6.43 -19.17 3.53
N THR A 127 7.37 -20.13 3.66
CA THR A 127 8.42 -20.23 2.64
C THR A 127 7.95 -20.22 1.19
N PRO A 128 8.56 -19.36 0.33
CA PRO A 128 8.11 -19.20 -1.06
C PRO A 128 8.34 -20.42 -1.95
N LYS A 129 7.63 -20.49 -3.07
CA LYS A 129 7.59 -21.68 -3.89
C LYS A 129 9.03 -22.08 -4.27
N TYR A 130 9.88 -21.10 -4.67
CA TYR A 130 11.22 -21.50 -5.18
C TYR A 130 12.09 -22.06 -4.08
N MET A 131 11.92 -21.57 -2.86
CA MET A 131 12.64 -22.10 -1.73
C MET A 131 12.07 -23.44 -1.24
N LYS A 132 10.77 -23.62 -1.40
CA LYS A 132 10.21 -24.95 -1.04
C LYS A 132 10.76 -26.04 -1.97
N VAL A 133 11.02 -25.69 -3.22
CA VAL A 133 11.60 -26.66 -4.14
C VAL A 133 12.98 -27.04 -3.66
N LYS A 134 13.80 -26.03 -3.32
CA LYS A 134 15.17 -26.32 -2.88
C LYS A 134 15.09 -27.19 -1.63
N ALA A 135 14.15 -26.88 -0.75
CA ALA A 135 13.95 -27.65 0.50
C ALA A 135 13.63 -29.12 0.23
N GLN A 136 12.80 -29.39 -0.74
CA GLN A 136 12.46 -30.76 -1.12
C GLN A 136 13.71 -31.44 -1.61
N GLU A 137 14.56 -30.73 -2.36
CA GLU A 137 15.80 -31.29 -2.92
C GLU A 137 16.79 -31.65 -1.81
N LYS A 138 16.65 -31.02 -0.66
CA LYS A 138 17.55 -31.30 0.41
C LYS A 138 16.95 -32.22 1.45
N GLY A 139 15.69 -32.67 1.29
CA GLY A 139 15.07 -33.44 2.31
C GLY A 139 14.65 -32.64 3.52
N GLU A 140 14.47 -31.32 3.31
CA GLU A 140 14.11 -30.38 4.39
C GLU A 140 12.70 -29.81 4.22
N GLY A 141 11.77 -30.61 3.65
CA GLY A 141 10.36 -30.15 3.44
C GLY A 141 9.65 -29.70 4.72
N GLU A 142 9.87 -30.40 5.84
CA GLU A 142 9.10 -30.10 7.04
C GLU A 142 9.51 -28.78 7.67
N GLU A 143 10.82 -28.49 7.69
CA GLU A 143 11.23 -27.21 8.24
C GLU A 143 10.68 -26.09 7.34
N ALA A 144 10.78 -26.27 6.02
CA ALA A 144 10.25 -25.28 5.04
C ALA A 144 8.79 -25.04 5.16
N ALA A 145 8.00 -26.02 5.66
CA ALA A 145 6.53 -25.86 5.74
C ALA A 145 6.06 -25.44 7.08
N LYS A 146 6.97 -25.32 8.02
CA LYS A 146 6.50 -25.08 9.40
C LYS A 146 5.55 -23.87 9.61
N TYR A 147 5.80 -22.76 8.88
CA TYR A 147 5.01 -21.54 9.07
C TYR A 147 4.15 -21.22 7.89
N ASP A 148 3.66 -22.27 7.20
CA ASP A 148 2.74 -22.16 6.04
C ASP A 148 1.39 -21.61 6.37
N GLU A 149 0.90 -21.80 7.60
CA GLU A 149 -0.43 -21.34 7.98
C GLU A 149 -0.51 -19.80 7.92
N PRO A 150 -1.62 -19.24 7.38
CA PRO A 150 -1.79 -17.73 7.42
C PRO A 150 -1.64 -17.19 8.83
N ARG A 151 -0.89 -16.10 9.00
CA ARG A 151 -0.65 -15.55 10.32
C ARG A 151 -1.36 -14.20 10.52
N HIS A 152 -1.83 -13.98 11.74
CA HIS A 152 -2.48 -12.70 12.14
C HIS A 152 -1.39 -11.80 12.60
N ILE A 153 -0.99 -10.81 11.77
CA ILE A 153 0.14 -9.92 12.13
C ILE A 153 -0.30 -8.47 12.09
N CYS A 154 0.64 -7.56 12.21
CA CYS A 154 0.33 -6.10 12.16
C CYS A 154 0.86 -5.56 10.83
N GLU A 155 0.08 -4.67 10.20
CA GLU A 155 0.58 -3.95 9.05
CA GLU A 155 0.53 -3.90 9.04
C GLU A 155 0.77 -2.50 9.52
N ILE A 156 1.98 -1.99 9.36
CA ILE A 156 2.31 -0.66 9.83
C ILE A 156 2.32 0.31 8.67
N ASN A 157 1.78 1.50 8.91
CA ASN A 157 1.79 2.56 7.83
C ASN A 157 1.70 3.90 8.57
N PHE A 158 1.87 4.99 7.81
CA PHE A 158 1.66 6.36 8.22
C PHE A 158 2.60 6.78 9.32
N LEU A 159 3.81 6.24 9.35
CA LEU A 159 4.81 6.82 10.26
C LEU A 159 5.14 8.27 9.83
N CYS A 160 5.06 9.21 10.75
CA CYS A 160 5.32 10.60 10.43
C CYS A 160 5.79 11.36 11.63
N VAL A 161 6.90 12.09 11.48
CA VAL A 161 7.36 13.01 12.52
C VAL A 161 7.27 14.41 11.95
N HIS A 162 6.73 15.33 12.76
CA HIS A 162 6.66 16.74 12.39
C HIS A 162 8.00 17.27 11.87
N LYS A 163 7.95 18.03 10.77
CA LYS A 163 9.17 18.59 10.18
C LYS A 163 10.04 19.36 11.18
N GLN A 164 9.45 19.99 12.20
CA GLN A 164 10.32 20.62 13.23
C GLN A 164 11.02 19.69 14.20
N LEU A 165 10.66 18.41 14.18
CA LEU A 165 11.21 17.45 15.14
CA LEU A 165 11.17 17.44 15.14
C LEU A 165 12.06 16.39 14.47
N ARG A 166 12.40 16.64 13.20
CA ARG A 166 13.24 15.69 12.46
C ARG A 166 14.66 15.49 13.00
N GLU A 167 15.15 14.27 12.87
CA GLU A 167 16.54 13.93 13.20
C GLU A 167 16.75 14.18 14.67
N LYS A 168 15.69 13.98 15.43
CA LYS A 168 15.82 13.91 16.89
C LYS A 168 15.65 12.49 17.51
N ARG A 169 15.78 11.45 16.67
CA ARG A 169 15.59 10.05 17.10
C ARG A 169 14.18 9.74 17.63
N LEU A 170 13.20 10.53 17.20
CA LEU A 170 11.83 10.34 17.67
C LEU A 170 11.18 9.11 16.95
N ALA A 171 11.58 8.88 15.70
CA ALA A 171 10.97 7.77 14.96
C ALA A 171 11.22 6.43 15.68
N PRO A 172 12.47 6.18 16.14
CA PRO A 172 12.68 4.90 16.83
C PRO A 172 11.80 4.75 18.08
N ILE A 173 11.57 5.83 18.82
CA ILE A 173 10.70 5.80 20.01
C ILE A 173 9.25 5.39 19.63
N LEU A 174 8.73 6.02 18.57
CA LEU A 174 7.44 5.62 17.99
C LEU A 174 7.41 4.15 17.58
N ILE A 175 8.46 3.68 16.90
CA ILE A 175 8.50 2.29 16.46
C ILE A 175 8.56 1.36 17.68
N LYS A 176 9.37 1.70 18.69
CA LYS A 176 9.41 0.85 19.96
C LYS A 176 8.09 0.76 20.64
N GLU A 177 7.38 1.88 20.73
CA GLU A 177 6.10 1.89 21.44
C GLU A 177 5.02 1.16 20.66
N ALA A 178 4.98 1.35 19.33
CA ALA A 178 4.14 0.49 18.50
C ALA A 178 4.44 -1.00 18.67
N THR A 179 5.69 -1.39 18.71
CA THR A 179 6.05 -2.77 18.78
C THR A 179 5.55 -3.29 20.15
N ARG A 180 5.73 -2.48 21.20
CA ARG A 180 5.26 -2.88 22.54
C ARG A 180 3.74 -3.14 22.51
N ARG A 181 2.98 -2.18 21.98
CA ARG A 181 1.52 -2.31 22.00
C ARG A 181 1.03 -3.50 21.20
N VAL A 182 1.66 -3.77 20.04
CA VAL A 182 1.37 -4.98 19.23
C VAL A 182 1.77 -6.28 19.98
N ASN A 183 2.97 -6.30 20.60
CA ASN A 183 3.39 -7.48 21.31
C ASN A 183 2.44 -7.74 22.54
N ARG A 184 1.91 -6.68 23.12
CA ARG A 184 0.98 -6.84 24.32
C ARG A 184 -0.31 -7.55 23.88
N THR A 185 -0.60 -7.58 22.55
CA THR A 185 -1.76 -8.34 22.03
C THR A 185 -1.32 -9.68 21.48
N ASN A 186 -0.11 -10.13 21.82
CA ASN A 186 0.41 -11.40 21.38
C ASN A 186 0.58 -11.51 19.87
N VAL A 187 1.01 -10.40 19.26
CA VAL A 187 1.37 -10.36 17.85
C VAL A 187 2.86 -9.97 17.75
N TRP A 188 3.61 -10.75 16.95
CA TRP A 188 5.04 -10.70 16.97
C TRP A 188 5.73 -10.38 15.66
N GLN A 189 4.95 -10.30 14.57
CA GLN A 189 5.49 -9.88 13.29
C GLN A 189 4.74 -8.66 12.77
N ALA A 190 5.38 -7.91 11.88
CA ALA A 190 4.71 -6.79 11.18
C ALA A 190 5.21 -6.84 9.75
N VAL A 191 4.40 -6.27 8.84
CA VAL A 191 4.77 -6.08 7.45
C VAL A 191 4.65 -4.55 7.20
N TYR A 192 5.59 -3.98 6.44
CA TYR A 192 5.56 -2.52 6.18
C TYR A 192 6.25 -2.31 4.85
N THR A 193 5.95 -1.17 4.23
CA THR A 193 6.72 -0.83 3.05
C THR A 193 7.38 0.55 3.28
N ALA A 194 8.37 0.85 2.46
CA ALA A 194 8.92 2.22 2.41
C ALA A 194 9.56 2.45 1.06
N GLY A 195 9.55 3.72 0.65
CA GLY A 195 10.27 4.04 -0.59
C GLY A 195 11.76 4.24 -0.32
N VAL A 196 12.20 4.24 0.94
CA VAL A 196 13.63 4.30 1.28
C VAL A 196 14.15 2.90 1.57
N LEU A 197 15.47 2.73 1.42
CA LEU A 197 16.14 1.48 1.72
C LEU A 197 16.54 1.42 3.16
N LEU A 198 16.05 0.37 3.83
CA LEU A 198 16.31 0.13 5.26
C LEU A 198 16.79 -1.32 5.37
N PRO A 199 17.35 -1.71 6.50
CA PRO A 199 17.65 -3.14 6.64
C PRO A 199 16.34 -3.95 6.89
N THR A 200 15.96 -4.94 6.07
CA THR A 200 16.49 -5.24 4.76
C THR A 200 15.25 -5.77 4.03
N PRO A 201 15.02 -5.34 2.78
CA PRO A 201 13.75 -5.71 2.11
C PRO A 201 13.73 -7.18 1.73
N TYR A 202 12.55 -7.82 1.79
CA TYR A 202 12.38 -9.10 1.08
C TYR A 202 11.90 -9.00 -0.34
N ALA A 203 11.42 -7.80 -0.78
CA ALA A 203 11.06 -7.65 -2.18
C ALA A 203 11.12 -6.15 -2.47
N SER A 204 11.31 -5.83 -3.73
CA SER A 204 11.39 -4.42 -4.15
C SER A 204 10.81 -4.29 -5.54
N GLY A 205 9.99 -3.26 -5.81
CA GLY A 205 9.46 -3.09 -7.15
C GLY A 205 9.41 -1.67 -7.59
N GLN A 206 9.51 -1.43 -8.89
CA GLN A 206 9.33 -0.06 -9.39
C GLN A 206 7.91 0.42 -9.28
N TYR A 207 7.76 1.74 -9.23
CA TYR A 207 6.46 2.36 -9.43
C TYR A 207 6.19 2.53 -10.89
N PHE A 208 4.88 2.54 -11.27
CA PHE A 208 4.45 2.82 -12.62
C PHE A 208 3.33 3.80 -12.62
N HIS A 209 3.34 4.65 -13.65
CA HIS A 209 2.29 5.73 -13.81
C HIS A 209 1.66 5.64 -15.17
N ARG A 210 0.38 5.90 -15.23
CA ARG A 210 -0.28 5.97 -16.52
C ARG A 210 -0.99 7.30 -16.58
N SER A 211 -0.50 8.16 -17.48
CA SER A 211 -1.10 9.46 -17.67
CA SER A 211 -1.08 9.48 -17.69
C SER A 211 -2.56 9.43 -18.13
N LEU A 212 -3.43 10.20 -17.44
CA LEU A 212 -4.84 10.29 -17.81
C LEU A 212 -5.14 11.71 -18.27
N ASN A 213 -4.50 12.67 -17.62
CA ASN A 213 -4.63 14.15 -17.94
C ASN A 213 -3.21 14.71 -18.22
N PRO A 214 -2.63 14.35 -19.37
CA PRO A 214 -1.25 14.70 -19.62
C PRO A 214 -0.99 16.22 -19.68
N GLU A 215 -1.93 17.07 -20.11
CA GLU A 215 -1.63 18.55 -20.12
C GLU A 215 -1.42 19.02 -18.68
N LYS A 216 -2.32 18.62 -17.79
CA LYS A 216 -2.16 18.92 -16.32
C LYS A 216 -0.85 18.32 -15.78
N LEU A 217 -0.57 17.03 -16.00
CA LEU A 217 0.68 16.44 -15.51
C LEU A 217 1.97 17.16 -15.95
N VAL A 218 1.97 17.65 -17.20
CA VAL A 218 3.12 18.33 -17.69
C VAL A 218 3.24 19.74 -17.00
N GLU A 219 2.11 20.39 -16.85
CA GLU A 219 1.99 21.72 -16.23
C GLU A 219 2.51 21.73 -14.81
N ILE A 220 2.27 20.64 -14.06
CA ILE A 220 2.71 20.57 -12.65
C ILE A 220 4.03 19.87 -12.54
N ARG A 221 4.67 19.57 -13.67
CA ARG A 221 5.93 18.86 -13.74
C ARG A 221 5.95 17.46 -13.07
N PHE A 222 4.78 16.83 -12.96
CA PHE A 222 4.76 15.40 -12.68
C PHE A 222 5.40 14.62 -13.82
N SER A 223 5.17 15.09 -15.04
CA SER A 223 5.64 14.45 -16.29
C SER A 223 6.35 15.53 -17.09
N GLY A 224 7.20 15.14 -18.02
CA GLY A 224 7.69 16.11 -18.99
C GLY A 224 7.07 15.77 -20.33
N ILE A 225 7.15 16.69 -21.30
CA ILE A 225 7.00 16.30 -22.70
C ILE A 225 8.30 15.56 -23.06
N PRO A 226 8.24 14.25 -23.39
CA PRO A 226 9.51 13.55 -23.67
C PRO A 226 10.19 13.97 -25.00
N ALA A 227 11.53 13.91 -25.01
CA ALA A 227 12.36 14.48 -26.11
C ALA A 227 11.89 14.05 -27.54
N GLN A 228 11.62 12.77 -27.74
CA GLN A 228 11.05 12.29 -29.02
C GLN A 228 9.83 13.07 -29.58
N TYR A 229 9.02 13.65 -28.71
CA TYR A 229 7.87 14.41 -29.15
C TYR A 229 8.31 15.72 -29.85
N GLN A 230 9.61 16.09 -29.77
CA GLN A 230 10.04 17.38 -30.37
C GLN A 230 10.05 17.29 -31.92
N LYS A 231 10.20 16.09 -32.45
CA LYS A 231 10.08 15.88 -33.91
C LYS A 231 8.70 16.29 -34.48
N PHE A 232 7.75 16.58 -33.59
CA PHE A 232 6.39 16.90 -34.02
C PHE A 232 6.19 18.40 -33.99
N GLN A 233 5.38 18.87 -34.91
CA GLN A 233 5.01 20.25 -34.95
C GLN A 233 4.30 20.69 -33.66
N ASN A 234 3.51 19.79 -33.09
CA ASN A 234 2.76 20.17 -31.88
C ASN A 234 2.94 19.08 -30.82
N PRO A 235 4.02 19.17 -30.06
CA PRO A 235 4.36 17.99 -29.23
C PRO A 235 3.23 17.72 -28.27
N MET A 236 2.69 18.79 -27.67
CA MET A 236 1.64 18.53 -26.67
C MET A 236 0.39 17.89 -27.26
N ALA A 237 0.05 18.23 -28.47
CA ALA A 237 -1.18 17.71 -29.07
C ALA A 237 -1.05 16.21 -29.32
N MET A 238 0.13 15.82 -29.73
CA MET A 238 0.40 14.43 -29.98
CA MET A 238 0.44 14.43 -29.98
C MET A 238 0.41 13.68 -28.62
N LEU A 239 0.92 14.35 -27.56
CA LEU A 239 0.95 13.73 -26.22
C LEU A 239 -0.47 13.42 -25.72
N LYS A 240 -1.41 14.37 -25.85
CA LYS A 240 -2.81 14.11 -25.49
C LYS A 240 -3.45 13.02 -26.30
N ARG A 241 -3.15 12.97 -27.61
CA ARG A 241 -3.76 11.94 -28.43
C ARG A 241 -3.26 10.55 -28.00
N ASN A 242 -2.00 10.53 -27.66
CA ASN A 242 -1.39 9.30 -27.22
C ASN A 242 -2.11 8.67 -26.04
N TYR A 243 -2.55 9.50 -25.09
CA TYR A 243 -3.17 8.96 -23.85
C TYR A 243 -4.68 8.97 -23.79
N GLN A 244 -5.34 9.28 -24.92
CA GLN A 244 -6.77 9.40 -24.97
CA GLN A 244 -6.75 9.39 -25.04
C GLN A 244 -7.36 8.03 -24.70
N LEU A 245 -8.53 8.06 -24.05
CA LEU A 245 -9.21 6.86 -23.66
C LEU A 245 -10.65 6.98 -24.08
N PRO A 246 -11.32 5.82 -24.26
CA PRO A 246 -12.76 5.83 -24.44
C PRO A 246 -13.54 6.55 -23.35
N SER A 247 -14.71 7.05 -23.73
CA SER A 247 -15.45 7.92 -22.84
C SER A 247 -16.31 7.05 -21.92
N ALA A 248 -16.45 5.77 -22.26
CA ALA A 248 -17.29 4.84 -21.49
C ALA A 248 -16.63 3.47 -21.53
N PRO A 249 -16.83 2.62 -20.50
CA PRO A 249 -16.21 1.29 -20.43
C PRO A 249 -16.57 0.40 -21.57
N LYS A 250 -15.66 -0.51 -21.91
CA LYS A 250 -15.82 -1.42 -23.06
C LYS A 250 -16.42 -2.77 -22.70
N ASN A 251 -16.31 -3.21 -21.46
CA ASN A 251 -16.79 -4.55 -21.09
C ASN A 251 -18.28 -4.41 -20.79
N SER A 252 -19.13 -5.19 -21.49
CA SER A 252 -20.56 -5.15 -21.21
CA SER A 252 -20.56 -5.15 -21.20
C SER A 252 -20.83 -5.76 -19.83
N GLY A 253 -21.70 -5.14 -19.08
CA GLY A 253 -21.88 -5.79 -17.76
C GLY A 253 -20.84 -5.45 -16.71
N LEU A 254 -20.02 -4.42 -17.02
CA LEU A 254 -19.22 -3.79 -15.96
C LEU A 254 -20.25 -2.99 -15.17
N ARG A 255 -20.19 -3.05 -13.83
CA ARG A 255 -20.99 -2.13 -12.99
C ARG A 255 -20.28 -2.02 -11.64
N GLU A 256 -20.70 -1.12 -10.79
CA GLU A 256 -20.13 -1.01 -9.45
C GLU A 256 -20.47 -2.20 -8.65
N MET A 257 -19.54 -2.53 -7.73
CA MET A 257 -19.75 -3.65 -6.86
C MET A 257 -20.80 -3.23 -5.81
N LYS A 258 -21.60 -4.24 -5.40
CA LYS A 258 -22.59 -4.00 -4.36
CA LYS A 258 -22.72 -4.13 -4.44
C LYS A 258 -22.44 -5.07 -3.27
N PRO A 259 -23.08 -4.83 -2.07
CA PRO A 259 -22.87 -5.79 -0.98
C PRO A 259 -23.10 -7.24 -1.33
N SER A 260 -24.12 -7.51 -2.13
CA SER A 260 -24.40 -8.88 -2.54
C SER A 260 -23.27 -9.63 -3.33
N ASP A 261 -22.33 -8.88 -3.88
CA ASP A 261 -21.20 -9.43 -4.63
C ASP A 261 -20.11 -9.96 -3.71
N VAL A 262 -20.18 -9.65 -2.41
CA VAL A 262 -19.05 -9.87 -1.50
C VAL A 262 -18.59 -11.33 -1.55
N PRO A 263 -19.53 -12.32 -1.41
CA PRO A 263 -19.03 -13.69 -1.51
C PRO A 263 -18.35 -14.09 -2.81
N GLN A 264 -18.84 -13.67 -3.96
CA GLN A 264 -18.25 -14.10 -5.23
C GLN A 264 -16.89 -13.38 -5.40
N VAL A 265 -16.85 -12.09 -5.06
CA VAL A 265 -15.53 -11.37 -5.10
C VAL A 265 -14.51 -12.00 -4.14
N ARG A 266 -14.90 -12.36 -2.91
CA ARG A 266 -13.99 -13.01 -2.01
CA ARG A 266 -13.97 -13.02 -2.00
C ARG A 266 -13.41 -14.27 -2.67
N ARG A 267 -14.29 -15.06 -3.28
CA ARG A 267 -13.87 -16.37 -3.86
CA ARG A 267 -13.88 -16.36 -3.86
C ARG A 267 -12.88 -16.20 -5.02
N ILE A 268 -13.22 -15.36 -5.99
CA ILE A 268 -12.36 -15.14 -7.13
C ILE A 268 -11.07 -14.44 -6.71
N LEU A 269 -11.18 -13.47 -5.76
CA LEU A 269 -9.91 -12.89 -5.28
C LEU A 269 -9.01 -13.89 -4.58
N MET A 270 -9.58 -14.64 -3.66
CA MET A 270 -8.75 -15.51 -2.83
C MET A 270 -8.15 -16.64 -3.71
N ASN A 271 -8.88 -17.11 -4.71
CA ASN A 271 -8.32 -18.13 -5.65
CA ASN A 271 -8.34 -18.11 -5.63
C ASN A 271 -7.14 -17.54 -6.39
N TYR A 272 -7.31 -16.29 -6.84
CA TYR A 272 -6.25 -15.60 -7.57
C TYR A 272 -5.01 -15.36 -6.72
N LEU A 273 -5.19 -14.83 -5.51
CA LEU A 273 -4.03 -14.49 -4.65
C LEU A 273 -3.21 -15.66 -4.21
N ASP A 274 -3.86 -16.79 -4.09
CA ASP A 274 -3.11 -18.06 -3.86
C ASP A 274 -1.90 -18.32 -4.75
N SER A 275 -1.89 -17.84 -5.98
CA SER A 275 -0.75 -18.13 -6.83
C SER A 275 0.52 -17.33 -6.40
N PHE A 276 0.36 -16.42 -5.42
CA PHE A 276 1.51 -15.55 -5.02
C PHE A 276 2.12 -16.03 -3.73
N ASP A 277 3.41 -15.85 -3.54
CA ASP A 277 4.09 -16.29 -2.30
C ASP A 277 3.68 -15.55 -1.05
N VAL A 278 3.50 -14.21 -1.11
CA VAL A 278 3.08 -13.46 0.05
C VAL A 278 1.72 -12.75 -0.29
N GLY A 279 0.72 -12.96 0.56
CA GLY A 279 -0.59 -12.32 0.22
C GLY A 279 -1.52 -12.43 1.40
N PRO A 280 -2.55 -11.58 1.41
CA PRO A 280 -3.45 -11.44 2.50
C PRO A 280 -4.57 -12.51 2.28
N VAL A 281 -5.21 -12.84 3.37
CA VAL A 281 -6.40 -13.69 3.42
C VAL A 281 -7.50 -12.79 3.99
N PHE A 282 -8.57 -12.61 3.22
CA PHE A 282 -9.66 -11.73 3.65
C PHE A 282 -10.95 -12.50 3.95
N SER A 283 -11.56 -12.19 5.07
CA SER A 283 -12.93 -12.65 5.43
C SER A 283 -13.94 -11.91 4.55
N ASP A 284 -15.21 -12.35 4.55
CA ASP A 284 -16.28 -11.54 3.90
C ASP A 284 -16.32 -10.10 4.48
N ALA A 285 -16.19 -9.95 5.81
CA ALA A 285 -16.18 -8.59 6.43
C ALA A 285 -15.07 -7.69 5.91
N GLU A 286 -13.91 -8.31 5.72
CA GLU A 286 -12.74 -7.58 5.20
C GLU A 286 -12.89 -7.26 3.71
N ILE A 287 -13.39 -8.19 2.89
CA ILE A 287 -13.67 -7.90 1.50
C ILE A 287 -14.67 -6.72 1.45
N SER A 288 -15.71 -6.78 2.28
CA SER A 288 -16.70 -5.68 2.35
CA SER A 288 -16.68 -5.67 2.32
C SER A 288 -15.99 -4.35 2.65
N HIS A 289 -15.20 -4.36 3.72
CA HIS A 289 -14.50 -3.18 4.11
C HIS A 289 -13.56 -2.62 3.05
N TYR A 290 -12.68 -3.47 2.53
CA TYR A 290 -11.66 -2.98 1.63
C TYR A 290 -12.14 -2.75 0.20
N LEU A 291 -13.23 -3.43 -0.23
CA LEU A 291 -13.64 -3.30 -1.64
C LEU A 291 -14.97 -2.64 -1.94
N LEU A 292 -15.90 -2.59 -1.02
CA LEU A 292 -17.16 -1.92 -1.39
C LEU A 292 -16.93 -0.47 -1.65
N PRO A 293 -17.52 0.09 -2.72
CA PRO A 293 -17.28 1.49 -3.03
C PRO A 293 -17.52 2.40 -1.84
N ARG A 294 -16.70 3.42 -1.76
CA ARG A 294 -16.75 4.48 -0.74
C ARG A 294 -16.40 5.74 -1.42
N ASP A 295 -17.33 6.70 -1.44
CA ASP A 295 -17.13 7.94 -2.16
C ASP A 295 -15.83 8.61 -1.78
N GLY A 296 -15.14 9.09 -2.83
CA GLY A 296 -13.82 9.69 -2.73
C GLY A 296 -12.64 8.83 -2.24
N VAL A 297 -12.87 7.54 -1.97
CA VAL A 297 -11.85 6.76 -1.32
C VAL A 297 -11.58 5.49 -2.18
N VAL A 298 -12.54 4.63 -2.36
CA VAL A 298 -12.23 3.36 -3.01
C VAL A 298 -13.39 3.07 -4.00
N PHE A 299 -13.00 2.55 -5.18
CA PHE A 299 -13.87 2.44 -6.36
C PHE A 299 -13.72 1.04 -6.87
N THR A 300 -14.81 0.30 -7.04
CA THR A 300 -14.70 -1.14 -7.32
C THR A 300 -15.78 -1.45 -8.29
N TYR A 301 -15.41 -2.23 -9.31
CA TYR A 301 -16.33 -2.63 -10.39
C TYR A 301 -16.23 -4.08 -10.62
N VAL A 302 -17.36 -4.71 -10.88
CA VAL A 302 -17.36 -6.14 -11.20
C VAL A 302 -17.82 -6.31 -12.65
N VAL A 303 -17.43 -7.43 -13.26
CA VAL A 303 -17.96 -7.85 -14.56
C VAL A 303 -18.93 -8.98 -14.22
N GLU A 304 -20.17 -8.77 -14.59
CA GLU A 304 -21.17 -9.76 -14.25
C GLU A 304 -21.66 -10.44 -15.51
N ASN A 305 -21.47 -11.77 -15.52
CA ASN A 305 -21.84 -12.64 -16.65
C ASN A 305 -22.82 -13.68 -16.17
N ASP A 306 -24.03 -13.62 -16.73
CA ASP A 306 -25.13 -14.53 -16.36
C ASP A 306 -25.35 -14.49 -14.86
N LYS A 307 -25.68 -13.30 -14.35
CA LYS A 307 -25.90 -13.13 -12.91
C LYS A 307 -24.73 -13.64 -12.08
N LYS A 308 -23.56 -13.84 -12.70
CA LYS A 308 -22.37 -14.28 -11.96
C LYS A 308 -21.24 -13.23 -12.02
N VAL A 309 -20.49 -13.09 -10.93
CA VAL A 309 -19.31 -12.22 -10.96
C VAL A 309 -18.10 -13.08 -11.43
N THR A 310 -17.59 -12.77 -12.63
CA THR A 310 -16.41 -13.40 -13.18
C THR A 310 -15.12 -12.58 -13.12
N ASP A 311 -15.20 -11.26 -12.96
CA ASP A 311 -13.99 -10.40 -12.96
C ASP A 311 -14.28 -9.22 -12.07
N PHE A 312 -13.25 -8.59 -11.50
CA PHE A 312 -13.48 -7.31 -10.89
C PHE A 312 -12.17 -6.54 -10.84
N PHE A 313 -12.28 -5.24 -10.69
CA PHE A 313 -11.10 -4.46 -10.32
C PHE A 313 -11.45 -3.39 -9.27
N SER A 314 -10.44 -2.88 -8.60
CA SER A 314 -10.67 -1.78 -7.62
C SER A 314 -9.48 -0.80 -7.77
N PHE A 315 -9.69 0.47 -7.43
CA PHE A 315 -8.63 1.41 -7.24
C PHE A 315 -8.98 2.33 -6.09
N TYR A 316 -7.98 2.96 -5.47
CA TYR A 316 -8.33 3.95 -4.42
C TYR A 316 -7.69 5.31 -4.74
N ARG A 317 -8.15 6.38 -4.06
CA ARG A 317 -7.72 7.70 -4.42
C ARG A 317 -6.81 8.22 -3.34
N ILE A 318 -5.64 8.72 -3.76
CA ILE A 318 -4.85 9.52 -2.84
C ILE A 318 -4.50 10.75 -3.64
N PRO A 319 -5.08 11.90 -3.26
CA PRO A 319 -4.60 13.15 -3.84
C PRO A 319 -3.25 13.60 -3.24
N SER A 320 -2.48 14.39 -4.00
CA SER A 320 -1.22 15.00 -3.51
C SER A 320 -1.32 16.48 -3.62
N THR A 321 -0.76 17.16 -2.64
CA THR A 321 -0.64 18.60 -2.69
C THR A 321 0.43 18.95 -3.72
N VAL A 322 0.08 19.89 -4.63
CA VAL A 322 1.05 20.39 -5.55
C VAL A 322 1.57 21.70 -4.96
N ILE A 323 2.84 21.73 -4.71
CA ILE A 323 3.44 22.82 -3.92
C ILE A 323 3.89 23.91 -4.91
N GLY A 324 3.13 25.03 -5.01
CA GLY A 324 3.60 26.23 -5.76
C GLY A 324 3.28 26.35 -7.26
N ASN A 325 2.15 25.82 -7.68
CA ASN A 325 1.72 26.02 -9.04
C ASN A 325 0.51 27.00 -9.04
N SER A 326 0.43 27.89 -10.01
CA SER A 326 -0.60 28.90 -9.93
C SER A 326 -1.91 28.39 -10.54
N ASN A 327 -1.83 27.31 -11.30
CA ASN A 327 -3.02 26.79 -11.94
C ASN A 327 -3.68 25.66 -11.15
N TYR A 328 -2.88 24.92 -10.37
CA TYR A 328 -3.32 23.66 -9.72
C TYR A 328 -2.87 23.51 -8.24
N ASN A 329 -3.79 23.11 -7.37
CA ASN A 329 -3.47 22.84 -5.98
C ASN A 329 -3.22 21.38 -5.65
N LEU A 330 -3.83 20.49 -6.44
CA LEU A 330 -3.91 19.05 -6.14
C LEU A 330 -3.65 18.23 -7.39
N LEU A 331 -2.95 17.11 -7.19
CA LEU A 331 -2.86 16.01 -8.17
C LEU A 331 -3.84 14.88 -7.75
N ASN A 332 -4.73 14.48 -8.65
CA ASN A 332 -5.83 13.56 -8.23
C ASN A 332 -5.39 12.19 -8.76
N ALA A 333 -4.82 11.35 -7.88
CA ALA A 333 -4.18 10.08 -8.37
C ALA A 333 -5.06 8.88 -7.96
N ALA A 334 -5.27 7.95 -8.87
CA ALA A 334 -5.89 6.66 -8.63
C ALA A 334 -4.78 5.57 -8.60
N TYR A 335 -4.88 4.67 -7.64
CA TYR A 335 -3.89 3.61 -7.38
C TYR A 335 -4.57 2.28 -7.60
N VAL A 336 -3.94 1.41 -8.41
CA VAL A 336 -4.54 0.13 -8.69
C VAL A 336 -4.53 -0.67 -7.37
N HIS A 337 -5.69 -1.23 -7.05
CA HIS A 337 -5.86 -1.97 -5.75
C HIS A 337 -5.90 -3.46 -6.12
N TYR A 338 -6.79 -4.24 -5.47
CA TYR A 338 -6.97 -5.67 -5.85
C TYR A 338 -7.82 -5.81 -7.07
N TYR A 339 -7.59 -6.94 -7.81
CA TYR A 339 -8.42 -7.28 -8.95
C TYR A 339 -8.37 -8.82 -9.14
N ALA A 340 -9.21 -9.33 -10.07
CA ALA A 340 -9.11 -10.76 -10.48
C ALA A 340 -9.83 -10.82 -11.80
N ALA A 341 -9.16 -11.42 -12.78
CA ALA A 341 -9.80 -11.72 -14.05
C ALA A 341 -9.93 -13.24 -14.30
N THR A 342 -11.14 -13.67 -14.66
CA THR A 342 -11.31 -15.10 -15.07
C THR A 342 -11.91 -15.21 -16.48
N SER A 343 -12.52 -14.15 -16.98
CA SER A 343 -13.23 -14.27 -18.27
C SER A 343 -12.60 -13.50 -19.42
N ILE A 344 -11.75 -12.54 -19.09
CA ILE A 344 -11.11 -11.61 -20.07
C ILE A 344 -9.63 -11.45 -19.76
N PRO A 345 -8.84 -11.04 -20.74
CA PRO A 345 -7.41 -10.80 -20.40
C PRO A 345 -7.29 -9.67 -19.43
N LEU A 346 -6.27 -9.71 -18.59
CA LEU A 346 -6.10 -8.63 -17.62
C LEU A 346 -5.97 -7.25 -18.27
N HIS A 347 -5.27 -7.10 -19.41
CA HIS A 347 -5.21 -5.79 -20.03
C HIS A 347 -6.57 -5.24 -20.38
N GLN A 348 -7.51 -6.11 -20.78
CA GLN A 348 -8.86 -5.63 -21.17
C GLN A 348 -9.70 -5.18 -19.92
N LEU A 349 -9.46 -5.87 -18.84
CA LEU A 349 -10.10 -5.52 -17.57
C LEU A 349 -9.56 -4.20 -17.04
N ILE A 350 -8.23 -4.06 -17.03
CA ILE A 350 -7.62 -2.82 -16.48
C ILE A 350 -7.82 -1.61 -17.40
N LEU A 351 -8.01 -1.81 -18.71
CA LEU A 351 -8.33 -0.69 -19.58
C LEU A 351 -9.66 0.02 -19.11
N ASP A 352 -10.60 -0.82 -18.70
CA ASP A 352 -11.79 -0.29 -18.05
C ASP A 352 -11.49 0.45 -16.77
N LEU A 353 -10.57 0.01 -15.94
CA LEU A 353 -10.16 0.81 -14.79
C LEU A 353 -9.67 2.20 -15.26
N LEU A 354 -8.82 2.28 -16.29
CA LEU A 354 -8.30 3.55 -16.72
C LEU A 354 -9.43 4.44 -17.25
N ILE A 355 -10.36 3.80 -17.97
CA ILE A 355 -11.53 4.53 -18.53
C ILE A 355 -12.40 5.11 -17.45
N VAL A 356 -12.75 4.28 -16.49
CA VAL A 356 -13.49 4.84 -15.33
C VAL A 356 -12.76 5.95 -14.56
N ALA A 357 -11.47 5.72 -14.29
CA ALA A 357 -10.73 6.73 -13.50
C ALA A 357 -10.66 8.05 -14.27
N HIS A 358 -10.45 7.93 -15.55
CA HIS A 358 -10.39 9.11 -16.40
C HIS A 358 -11.72 9.84 -16.38
N SER A 359 -12.84 9.09 -16.51
CA SER A 359 -14.17 9.71 -16.57
CA SER A 359 -14.14 9.77 -16.60
C SER A 359 -14.49 10.41 -15.25
N ARG A 360 -13.88 9.91 -14.19
CA ARG A 360 -14.12 10.48 -12.85
C ARG A 360 -13.19 11.61 -12.46
N GLY A 361 -12.37 12.08 -13.38
CA GLY A 361 -11.55 13.23 -13.13
C GLY A 361 -10.23 12.93 -12.50
N PHE A 362 -9.78 11.67 -12.52
CA PHE A 362 -8.38 11.35 -12.12
C PHE A 362 -7.33 11.74 -13.08
N ASP A 363 -6.17 12.23 -12.61
CA ASP A 363 -5.11 12.77 -13.48
C ASP A 363 -4.10 11.71 -13.93
N VAL A 364 -3.97 10.66 -13.13
CA VAL A 364 -2.94 9.63 -13.32
C VAL A 364 -3.40 8.35 -12.59
N CYS A 365 -2.99 7.21 -13.11
CA CYS A 365 -3.22 5.93 -12.45
C CYS A 365 -1.87 5.35 -12.10
N ASN A 366 -1.68 5.00 -10.82
CA ASN A 366 -0.37 4.56 -10.32
C ASN A 366 -0.45 3.12 -9.83
N MET A 367 0.69 2.44 -9.83
CA MET A 367 0.77 1.08 -9.25
CA MET A 367 0.77 1.07 -9.27
C MET A 367 2.23 0.73 -9.03
N VAL A 368 2.45 -0.37 -8.32
CA VAL A 368 3.85 -0.93 -8.22
C VAL A 368 3.76 -2.24 -9.00
N GLU A 369 4.91 -2.78 -9.45
CA GLU A 369 4.88 -4.04 -10.26
C GLU A 369 4.69 -5.26 -9.34
N ILE A 370 3.73 -5.21 -8.43
CA ILE A 370 3.34 -6.45 -7.70
C ILE A 370 2.22 -7.16 -8.46
N LEU A 371 1.71 -8.23 -7.89
CA LEU A 371 0.60 -8.93 -8.55
C LEU A 371 0.98 -9.30 -10.02
N ASP A 372 0.05 -9.21 -10.96
CA ASP A 372 0.44 -9.40 -12.40
C ASP A 372 0.44 -8.05 -13.11
N ASN A 373 0.72 -6.98 -12.35
CA ASN A 373 0.70 -5.61 -12.92
C ASN A 373 1.64 -5.45 -14.11
N ARG A 374 2.72 -6.23 -14.16
CA ARG A 374 3.62 -6.17 -15.38
C ARG A 374 2.92 -6.62 -16.63
N SER A 375 1.90 -7.47 -16.51
CA SER A 375 1.27 -7.98 -17.75
CA SER A 375 1.16 -7.97 -17.69
C SER A 375 0.50 -6.96 -18.57
N PHE A 376 0.20 -5.78 -18.01
CA PHE A 376 -0.51 -4.86 -18.84
C PHE A 376 0.24 -3.49 -18.95
N VAL A 377 1.50 -3.42 -18.49
CA VAL A 377 2.26 -2.14 -18.58
C VAL A 377 2.35 -1.61 -19.97
N GLU A 378 2.85 -2.43 -20.90
CA GLU A 378 3.11 -1.95 -22.29
CA GLU A 378 3.15 -1.83 -22.22
C GLU A 378 1.87 -1.56 -23.03
N GLN A 379 0.90 -2.47 -23.09
CA GLN A 379 -0.28 -2.18 -23.88
CA GLN A 379 -0.31 -2.18 -23.87
C GLN A 379 -1.12 -1.02 -23.30
N LEU A 380 -1.14 -0.91 -21.98
CA LEU A 380 -1.92 0.18 -21.35
C LEU A 380 -1.10 1.43 -21.12
N LYS A 381 0.12 1.46 -21.63
CA LYS A 381 0.91 2.69 -21.69
CA LYS A 381 0.95 2.67 -21.70
C LYS A 381 1.36 3.21 -20.33
N PHE A 382 1.59 2.29 -19.40
CA PHE A 382 2.23 2.69 -18.13
C PHE A 382 3.72 2.93 -18.40
N GLY A 383 4.32 3.86 -17.68
CA GLY A 383 5.78 4.04 -17.71
C GLY A 383 6.34 3.93 -16.30
N ALA A 384 7.51 3.28 -16.13
CA ALA A 384 8.20 3.30 -14.83
C ALA A 384 8.47 4.69 -14.25
N GLY A 385 8.24 4.87 -12.93
CA GLY A 385 8.52 6.10 -12.24
C GLY A 385 9.90 6.10 -11.57
N ASP A 386 10.10 7.02 -10.62
CA ASP A 386 11.37 7.13 -9.93
C ASP A 386 11.45 6.22 -8.72
N GLY A 387 12.61 5.62 -8.49
CA GLY A 387 12.70 4.89 -7.22
C GLY A 387 11.92 3.57 -7.13
N HIS A 388 11.72 3.05 -5.91
CA HIS A 388 11.17 1.68 -5.77
C HIS A 388 10.46 1.63 -4.48
N LEU A 389 9.41 0.82 -4.40
CA LEU A 389 8.73 0.56 -3.12
C LEU A 389 9.36 -0.74 -2.62
N ARG A 390 9.77 -0.75 -1.36
CA ARG A 390 10.45 -1.92 -0.80
C ARG A 390 9.49 -2.47 0.24
N TYR A 391 9.42 -3.79 0.30
CA TYR A 391 8.56 -4.52 1.25
C TYR A 391 9.47 -5.12 2.32
N TYR A 392 9.01 -5.01 3.56
CA TYR A 392 9.73 -5.47 4.74
C TYR A 392 8.88 -6.26 5.69
N PHE A 393 9.53 -7.16 6.44
CA PHE A 393 8.91 -7.75 7.61
C PHE A 393 9.72 -7.34 8.82
N TYR A 394 9.01 -7.29 9.95
CA TYR A 394 9.63 -7.11 11.26
C TYR A 394 9.58 -8.47 11.92
N ASN A 395 10.73 -8.96 12.41
CA ASN A 395 10.78 -10.31 13.13
C ASN A 395 10.37 -11.47 12.25
N TRP A 396 10.80 -11.46 11.03
CA TRP A 396 10.46 -12.57 10.13
C TRP A 396 11.56 -12.77 9.12
N ALA A 397 12.23 -13.92 9.17
CA ALA A 397 13.23 -14.22 8.13
C ALA A 397 12.51 -14.67 6.92
N TYR A 398 12.92 -14.20 5.76
CA TYR A 398 12.20 -14.51 4.54
C TYR A 398 13.15 -14.39 3.36
N PRO A 399 13.19 -15.41 2.49
CA PRO A 399 14.05 -15.41 1.31
C PRO A 399 13.63 -14.30 0.38
N LYS A 400 14.59 -13.74 -0.33
CA LYS A 400 14.28 -12.70 -1.32
C LYS A 400 13.29 -13.20 -2.31
N ILE A 401 12.25 -12.41 -2.67
CA ILE A 401 11.30 -12.82 -3.75
C ILE A 401 11.14 -11.68 -4.75
N LYS A 402 10.70 -12.02 -5.97
CA LYS A 402 10.43 -11.09 -7.06
C LYS A 402 9.14 -10.33 -6.63
N PRO A 403 8.96 -9.08 -7.07
CA PRO A 403 7.76 -8.34 -6.64
C PRO A 403 6.53 -8.96 -7.31
N SER A 404 6.72 -9.68 -8.40
CA SER A 404 5.58 -10.39 -9.01
C SER A 404 5.13 -11.63 -8.20
N GLN A 405 5.79 -11.91 -7.09
CA GLN A 405 5.31 -12.95 -6.14
C GLN A 405 4.72 -12.32 -4.91
N VAL A 406 4.50 -10.97 -4.96
CA VAL A 406 3.88 -10.26 -3.80
C VAL A 406 2.43 -9.88 -4.16
N ALA A 407 1.49 -10.14 -3.26
CA ALA A 407 0.08 -9.84 -3.55
C ALA A 407 -0.55 -8.97 -2.46
N LEU A 408 0.28 -8.40 -1.57
CA LEU A 408 -0.25 -7.46 -0.55
C LEU A 408 -0.16 -6.00 -1.09
N VAL A 409 -1.32 -5.38 -1.36
CA VAL A 409 -1.32 -3.98 -1.78
C VAL A 409 -1.10 -3.11 -0.54
N MET A 410 -0.24 -2.07 -0.60
CA MET A 410 -0.09 -1.28 0.61
CA MET A 410 0.01 -1.22 0.57
C MET A 410 -0.54 0.13 0.28
N LEU A 411 -1.26 0.70 1.24
CA LEU A 411 -1.92 1.98 1.01
C LEU A 411 -0.94 3.18 1.12
#